data_5OKP
#
_entry.id   5OKP
#
_cell.length_a   43.745
_cell.length_b   73.426
_cell.length_c   157.964
_cell.angle_alpha   90.00
_cell.angle_beta   90.70
_cell.angle_gamma   90.00
#
_symmetry.space_group_name_H-M   'I 1 2 1'
#
loop_
_entity.id
_entity.type
_entity.pdbx_description
1 polymer 'Phosphatidylinositol 3,4,5-trisphosphate 5-phosphatase 2'
2 non-polymer 1,2-ETHANEDIOL
3 water water
#
_entity_poly.entity_id   1
_entity_poly.type   'polypeptide(L)'
_entity_poly.pdbx_seq_one_letter_code
;GPEPDMISVFIGTWNMGSVPPPKNVTSWFTSKGLGKTLDEVTVTIPHDIYVFGTQENSVGDREWLDLLRGGLKELTDLDY
RPIAMQSLWNIKVAVLVKPEHENRISHVSTSSVKTGIANTLGNKGAVGVSFMFNGTSFGFVNCHLTSGNEKTARRNQNYL
DILRLLSLGDRQLNADDISDRFTHLFWFGDLNYRLDMDIQEILNYISRKEFEPLLRVDQLNLEREKHKVFLRFSEEEISF
PPTYRYERGSRDTYAWHKQKPTGVRTNVPSWCDRILWKSYPETHIICNSYGCTDDIVTSDHSPVFGTFEVGVTSQFISKK
GLSKTSDQAYIEFESIEAIVKTASRTKFFIEFYSTCLEEYKKSFENDAQSSDNINFLKVQWSSRQLPTLKPILADIEYLQ
DQHLLLTVKSMDGYESYGECVVALKSMIGSTAQQFLTFLSHRGEETGNIRGSMKVRVPTER
;
_entity_poly.pdbx_strand_id   A
#
# COMPACT_ATOMS: atom_id res chain seq x y z
N PRO A 2 14.48 -19.55 -14.96
CA PRO A 2 13.56 -19.07 -15.99
C PRO A 2 12.72 -17.86 -15.54
N GLU A 3 11.84 -18.08 -14.56
CA GLU A 3 10.96 -17.03 -14.05
C GLU A 3 11.74 -16.05 -13.18
N PRO A 4 11.36 -14.77 -13.19
CA PRO A 4 12.04 -13.83 -12.31
C PRO A 4 11.77 -14.12 -10.82
N ASP A 5 12.72 -13.80 -9.96
CA ASP A 5 12.48 -13.79 -8.52
C ASP A 5 12.41 -12.36 -7.93
N MET A 6 12.66 -11.35 -8.77
CA MET A 6 12.47 -9.95 -8.38
C MET A 6 12.02 -9.13 -9.58
N ILE A 7 11.17 -8.14 -9.30
CA ILE A 7 10.77 -7.16 -10.30
C ILE A 7 10.99 -5.74 -9.80
N SER A 8 11.01 -4.80 -10.74
CA SER A 8 11.07 -3.37 -10.45
C SER A 8 9.71 -2.74 -10.73
N VAL A 9 9.19 -1.99 -9.77
CA VAL A 9 7.88 -1.38 -9.83
C VAL A 9 8.07 0.12 -9.73
N PHE A 10 7.47 0.85 -10.67
CA PHE A 10 7.46 2.29 -10.64
C PHE A 10 6.06 2.73 -10.21
N ILE A 11 6.01 3.71 -9.31
CA ILE A 11 4.77 4.35 -8.88
C ILE A 11 4.95 5.85 -9.04
N GLY A 12 4.03 6.47 -9.77
CA GLY A 12 4.05 7.92 -9.95
C GLY A 12 2.73 8.47 -9.45
N THR A 13 2.80 9.60 -8.75
CA THR A 13 1.59 10.29 -8.33
C THR A 13 1.68 11.76 -8.70
N TRP A 14 0.62 12.29 -9.30
CA TRP A 14 0.62 13.69 -9.72
C TRP A 14 -0.77 14.29 -9.69
N ASN A 15 -0.90 15.36 -8.92
CA ASN A 15 -2.11 16.18 -8.98
C ASN A 15 -1.89 17.16 -10.14
N MET A 16 -2.65 16.98 -11.22
CA MET A 16 -2.46 17.71 -12.49
C MET A 16 -3.11 19.08 -12.56
N GLY A 17 -3.87 19.44 -11.52
CA GLY A 17 -4.48 20.75 -11.40
C GLY A 17 -5.47 21.13 -12.49
N SER A 18 -6.11 20.13 -13.10
CA SER A 18 -7.13 20.31 -14.12
C SER A 18 -6.66 21.00 -15.40
N VAL A 19 -5.37 20.94 -15.70
CA VAL A 19 -4.89 21.55 -16.92
C VAL A 19 -4.12 20.51 -17.71
N PRO A 20 -3.99 20.70 -19.02
CA PRO A 20 -3.29 19.70 -19.82
C PRO A 20 -1.85 19.49 -19.34
N PRO A 21 -1.39 18.23 -19.32
CA PRO A 21 0.02 18.01 -19.03
C PRO A 21 0.88 18.40 -20.24
N PRO A 22 2.18 18.63 -20.02
CA PRO A 22 3.08 18.84 -21.12
C PRO A 22 3.31 17.54 -21.90
N LYS A 23 3.76 17.65 -23.14
CA LYS A 23 4.08 16.44 -23.93
C LYS A 23 5.19 15.58 -23.36
N ASN A 24 6.10 16.21 -22.63
CA ASN A 24 7.28 15.56 -22.12
C ASN A 24 7.26 15.53 -20.59
N VAL A 25 7.14 14.34 -20.02
CA VAL A 25 7.21 14.14 -18.57
C VAL A 25 8.32 13.12 -18.23
N THR A 26 9.38 13.14 -19.04
CA THR A 26 10.50 12.19 -18.97
C THR A 26 11.04 12.06 -17.54
N SER A 27 11.29 13.20 -16.89
N SER A 27 11.28 13.21 -16.89
CA SER A 27 11.88 13.23 -15.54
CA SER A 27 11.88 13.25 -15.55
C SER A 27 11.04 12.47 -14.50
C SER A 27 11.05 12.46 -14.51
N TRP A 28 9.72 12.54 -14.65
CA TRP A 28 8.80 11.79 -13.78
C TRP A 28 8.99 10.28 -13.96
N PHE A 29 8.93 9.80 -15.20
CA PHE A 29 9.04 8.37 -15.51
C PHE A 29 10.42 7.78 -15.11
N THR A 30 11.46 8.62 -15.13
CA THR A 30 12.84 8.18 -14.90
C THR A 30 13.41 8.58 -13.55
N SER A 31 12.56 9.06 -12.62
CA SER A 31 13.02 9.37 -11.25
C SER A 31 14.18 10.37 -11.20
N LYS A 32 14.05 11.44 -11.98
CA LYS A 32 15.03 12.51 -12.04
C LYS A 32 14.44 13.78 -11.45
N GLY A 33 15.24 14.47 -10.64
CA GLY A 33 14.83 15.73 -10.03
C GLY A 33 15.44 15.83 -8.65
N LEU A 34 14.58 15.91 -7.65
CA LEU A 34 14.98 16.14 -6.27
C LEU A 34 14.58 14.96 -5.38
N GLY A 35 15.35 14.76 -4.30
CA GLY A 35 15.09 13.68 -3.39
C GLY A 35 15.98 12.48 -3.67
N LYS A 36 15.48 11.28 -3.41
CA LYS A 36 16.22 10.06 -3.67
C LYS A 36 15.97 9.67 -5.14
N THR A 37 16.94 9.96 -5.99
CA THR A 37 16.78 9.87 -7.44
C THR A 37 17.57 8.73 -8.03
N LEU A 38 17.23 8.39 -9.27
CA LEU A 38 18.00 7.44 -10.07
C LEU A 38 18.93 8.25 -10.96
N ASP A 39 20.22 8.23 -10.66
CA ASP A 39 21.18 9.10 -11.34
C ASP A 39 21.92 8.39 -12.47
N GLU A 40 22.36 7.15 -12.26
CA GLU A 40 23.17 6.44 -13.26
C GLU A 40 22.33 5.93 -14.45
N VAL A 41 22.97 5.84 -15.62
CA VAL A 41 22.41 5.06 -16.74
C VAL A 41 22.01 3.65 -16.27
N THR A 42 22.88 2.99 -15.49
CA THR A 42 22.66 1.59 -15.10
C THR A 42 21.44 1.35 -14.19
N VAL A 43 21.07 2.34 -13.41
CA VAL A 43 19.92 2.20 -12.49
C VAL A 43 18.61 2.79 -13.06
N THR A 44 18.72 3.51 -14.18
CA THR A 44 17.56 4.09 -14.83
C THR A 44 17.04 3.10 -15.86
N ILE A 45 16.37 2.07 -15.33
CA ILE A 45 15.98 0.89 -16.07
C ILE A 45 14.52 0.98 -16.53
N PRO A 46 14.18 0.25 -17.61
CA PRO A 46 12.77 0.08 -17.95
C PRO A 46 12.14 -0.84 -16.89
N HIS A 47 11.18 -0.31 -16.15
CA HIS A 47 10.62 -1.02 -15.02
C HIS A 47 9.70 -2.12 -15.54
N ASP A 48 9.51 -3.14 -14.70
CA ASP A 48 8.67 -4.27 -15.06
C ASP A 48 7.20 -3.88 -15.05
N ILE A 49 6.85 -3.02 -14.09
CA ILE A 49 5.50 -2.53 -13.91
C ILE A 49 5.58 -1.02 -13.69
N TYR A 50 4.76 -0.27 -14.43
CA TYR A 50 4.55 1.17 -14.19
C TYR A 50 3.11 1.35 -13.68
N VAL A 51 2.96 2.04 -12.55
CA VAL A 51 1.67 2.43 -12.01
C VAL A 51 1.64 3.95 -11.95
N PHE A 52 0.61 4.53 -12.55
CA PHE A 52 0.46 5.98 -12.62
C PHE A 52 -0.84 6.35 -11.95
N GLY A 53 -0.76 7.14 -10.90
CA GLY A 53 -1.92 7.66 -10.20
C GLY A 53 -1.97 9.14 -10.39
N THR A 54 -3.11 9.66 -10.80
CA THR A 54 -3.27 11.09 -10.92
C THR A 54 -4.53 11.55 -10.21
N GLN A 55 -4.52 12.81 -9.83
CA GLN A 55 -5.69 13.51 -9.31
C GLN A 55 -5.89 14.80 -10.13
N GLU A 56 -7.12 15.34 -10.10
CA GLU A 56 -7.44 16.54 -10.86
C GLU A 56 -6.99 16.39 -12.33
N ASN A 57 -7.26 15.19 -12.86
CA ASN A 57 -6.87 14.82 -14.20
C ASN A 57 -8.07 15.02 -15.12
N SER A 58 -7.98 16.06 -15.96
CA SER A 58 -9.01 16.40 -16.95
C SER A 58 -8.78 15.83 -18.35
N VAL A 59 -7.78 14.97 -18.51
CA VAL A 59 -7.57 14.26 -19.77
C VAL A 59 -8.54 13.09 -19.82
N GLY A 60 -9.19 12.86 -20.95
CA GLY A 60 -10.06 11.71 -21.08
C GLY A 60 -9.31 10.40 -20.80
N ASP A 61 -10.02 9.41 -20.25
CA ASP A 61 -9.40 8.12 -19.90
C ASP A 61 -8.60 7.51 -21.05
N ARG A 62 -9.27 7.38 -22.20
CA ARG A 62 -8.65 6.79 -23.40
C ARG A 62 -7.39 7.57 -23.81
N GLU A 63 -7.50 8.90 -23.82
CA GLU A 63 -6.39 9.76 -24.26
C GLU A 63 -5.20 9.70 -23.30
N TRP A 64 -5.51 9.69 -22.01
CA TRP A 64 -4.51 9.61 -20.97
C TRP A 64 -3.73 8.30 -21.05
N LEU A 65 -4.44 7.18 -21.17
CA LEU A 65 -3.77 5.90 -21.33
C LEU A 65 -2.89 5.86 -22.59
N ASP A 66 -3.37 6.41 -23.70
CA ASP A 66 -2.57 6.48 -24.93
C ASP A 66 -1.31 7.33 -24.75
N LEU A 67 -1.42 8.41 -23.97
CA LEU A 67 -0.24 9.23 -23.66
C LEU A 67 0.78 8.43 -22.84
N LEU A 68 0.30 7.63 -21.90
CA LEU A 68 1.20 6.82 -21.09
C LEU A 68 1.87 5.73 -21.93
N ARG A 69 1.08 5.04 -22.76
CA ARG A 69 1.62 3.97 -23.60
C ARG A 69 2.62 4.53 -24.59
N GLY A 70 2.25 5.65 -25.22
CA GLY A 70 3.12 6.33 -26.19
C GLY A 70 4.40 6.82 -25.52
N GLY A 71 4.27 7.38 -24.32
CA GLY A 71 5.40 7.87 -23.56
C GLY A 71 6.38 6.77 -23.23
N LEU A 72 5.87 5.65 -22.73
CA LEU A 72 6.71 4.50 -22.42
C LEU A 72 7.38 3.93 -23.67
N LYS A 73 6.65 3.88 -24.78
CA LYS A 73 7.23 3.37 -26.03
C LYS A 73 8.40 4.23 -26.51
N GLU A 74 8.23 5.55 -26.48
CA GLU A 74 9.29 6.45 -26.93
C GLU A 74 10.50 6.39 -26.01
N LEU A 75 10.25 6.17 -24.72
CA LEU A 75 11.32 6.08 -23.71
C LEU A 75 12.13 4.77 -23.77
N THR A 76 11.43 3.65 -23.84
CA THR A 76 12.02 2.33 -23.68
C THR A 76 12.16 1.49 -24.96
N ASP A 77 11.50 1.90 -26.04
CA ASP A 77 11.33 1.08 -27.26
C ASP A 77 10.52 -0.22 -27.03
N LEU A 78 9.83 -0.34 -25.89
CA LEU A 78 8.99 -1.50 -25.58
C LEU A 78 7.50 -1.12 -25.64
N ASP A 79 6.68 -2.03 -26.15
CA ASP A 79 5.22 -1.79 -26.23
C ASP A 79 4.59 -2.30 -24.93
N TYR A 80 4.63 -1.45 -23.91
CA TYR A 80 4.04 -1.72 -22.60
C TYR A 80 2.54 -1.98 -22.72
N ARG A 81 2.06 -2.98 -21.98
CA ARG A 81 0.69 -3.46 -22.11
C ARG A 81 -0.10 -3.01 -20.89
N PRO A 82 -1.22 -2.29 -21.11
CA PRO A 82 -2.10 -1.93 -20.00
C PRO A 82 -2.73 -3.19 -19.42
N ILE A 83 -2.67 -3.36 -18.12
CA ILE A 83 -3.38 -4.50 -17.52
CA ILE A 83 -3.34 -4.50 -17.47
C ILE A 83 -4.66 -4.06 -16.83
N ALA A 84 -4.72 -2.81 -16.41
CA ALA A 84 -5.94 -2.26 -15.84
C ALA A 84 -5.87 -0.76 -15.75
N MET A 85 -7.04 -0.16 -15.74
CA MET A 85 -7.14 1.23 -15.38
C MET A 85 -8.53 1.48 -14.81
N GLN A 86 -8.59 2.51 -13.97
CA GLN A 86 -9.80 2.83 -13.23
C GLN A 86 -9.81 4.34 -13.03
N SER A 87 -10.95 4.95 -13.31
CA SER A 87 -11.13 6.35 -13.02
C SER A 87 -12.35 6.51 -12.11
N LEU A 88 -12.28 7.53 -11.27
CA LEU A 88 -13.41 8.00 -10.51
C LEU A 88 -13.39 9.48 -10.75
N TRP A 89 -14.31 9.95 -11.59
CA TRP A 89 -14.35 11.35 -11.97
C TRP A 89 -12.95 11.76 -12.51
N ASN A 90 -12.19 12.58 -11.79
CA ASN A 90 -10.88 13.07 -12.24
C ASN A 90 -9.69 12.46 -11.46
N ILE A 91 -9.94 11.34 -10.77
CA ILE A 91 -8.93 10.55 -10.10
C ILE A 91 -8.75 9.30 -10.97
N LYS A 92 -7.54 9.07 -11.48
CA LYS A 92 -7.29 8.01 -12.46
C LYS A 92 -6.01 7.26 -12.15
N VAL A 93 -6.08 5.94 -12.23
CA VAL A 93 -4.92 5.07 -12.08
C VAL A 93 -4.82 4.15 -13.31
N ALA A 94 -3.59 3.89 -13.73
CA ALA A 94 -3.31 2.93 -14.80
C ALA A 94 -2.08 2.11 -14.46
N VAL A 95 -2.11 0.83 -14.83
CA VAL A 95 -1.01 -0.08 -14.62
C VAL A 95 -0.60 -0.66 -15.96
N LEU A 96 0.68 -0.56 -16.27
CA LEU A 96 1.23 -1.10 -17.51
C LEU A 96 2.41 -1.99 -17.20
N VAL A 97 2.55 -3.06 -17.99
CA VAL A 97 3.58 -4.08 -17.78
CA VAL A 97 3.58 -4.06 -17.78
C VAL A 97 4.39 -4.33 -19.05
N LYS A 98 5.68 -4.67 -18.87
CA LYS A 98 6.51 -5.08 -19.99
C LYS A 98 5.84 -6.25 -20.69
N PRO A 99 5.90 -6.28 -22.03
CA PRO A 99 5.19 -7.32 -22.79
C PRO A 99 5.56 -8.74 -22.38
N GLU A 100 6.82 -8.96 -22.04
CA GLU A 100 7.30 -10.30 -21.64
C GLU A 100 6.64 -10.85 -20.37
N HIS A 101 6.07 -9.95 -19.56
CA HIS A 101 5.38 -10.32 -18.33
C HIS A 101 3.86 -10.49 -18.45
N GLU A 102 3.25 -10.26 -19.62
CA GLU A 102 1.77 -10.26 -19.68
C GLU A 102 1.16 -11.62 -19.30
N ASN A 103 1.87 -12.69 -19.66
CA ASN A 103 1.48 -14.04 -19.30
C ASN A 103 1.56 -14.31 -17.77
N ARG A 104 2.32 -13.50 -17.05
CA ARG A 104 2.50 -13.70 -15.60
C ARG A 104 1.43 -13.01 -14.73
N ILE A 105 0.58 -12.19 -15.35
CA ILE A 105 -0.42 -11.42 -14.65
C ILE A 105 -1.73 -12.19 -14.60
N SER A 106 -2.37 -12.25 -13.43
CA SER A 106 -3.68 -12.86 -13.30
C SER A 106 -4.51 -12.17 -12.24
N HIS A 107 -5.78 -12.54 -12.16
CA HIS A 107 -6.71 -12.10 -11.11
C HIS A 107 -6.78 -10.57 -10.99
N VAL A 108 -6.91 -9.91 -12.14
CA VAL A 108 -6.97 -8.45 -12.16
C VAL A 108 -8.30 -7.99 -11.56
N SER A 109 -8.22 -6.97 -10.72
CA SER A 109 -9.40 -6.41 -10.09
C SER A 109 -9.27 -4.88 -10.02
N THR A 110 -10.40 -4.18 -10.12
CA THR A 110 -10.44 -2.73 -9.93
C THR A 110 -11.64 -2.30 -9.08
N SER A 111 -11.53 -1.11 -8.50
CA SER A 111 -12.53 -0.61 -7.57
C SER A 111 -12.37 0.89 -7.39
N SER A 112 -13.43 1.53 -6.90
CA SER A 112 -13.37 2.93 -6.54
C SER A 112 -14.32 3.21 -5.38
N VAL A 113 -14.02 4.27 -4.65
CA VAL A 113 -14.81 4.69 -3.49
C VAL A 113 -14.85 6.20 -3.46
N LYS A 114 -16.04 6.77 -3.33
CA LYS A 114 -16.20 8.20 -3.08
C LYS A 114 -16.14 8.48 -1.59
N THR A 115 -15.40 9.53 -1.21
CA THR A 115 -15.41 10.02 0.17
C THR A 115 -16.01 11.42 0.20
N GLY A 116 -16.96 11.62 1.11
CA GLY A 116 -17.54 12.95 1.28
C GLY A 116 -18.72 12.92 2.22
N ILE A 117 -19.10 14.09 2.68
CA ILE A 117 -20.36 14.28 3.41
C ILE A 117 -21.32 14.99 2.45
N ALA A 118 -21.00 16.22 2.10
CA ALA A 118 -21.84 16.97 1.14
C ALA A 118 -21.49 16.67 -0.33
N ASN A 119 -20.25 16.23 -0.59
CA ASN A 119 -19.75 16.07 -1.97
C ASN A 119 -19.52 14.62 -2.34
N THR A 120 -20.35 14.08 -3.25
CA THR A 120 -20.11 12.75 -3.85
C THR A 120 -19.92 12.83 -5.37
N LEU A 121 -19.29 13.90 -5.85
CA LEU A 121 -18.94 14.00 -7.27
C LEU A 121 -17.88 12.94 -7.64
N GLY A 122 -16.98 12.65 -6.71
CA GLY A 122 -15.88 11.72 -6.94
C GLY A 122 -14.55 12.42 -7.18
N ASN A 123 -14.47 13.73 -6.98
CA ASN A 123 -13.18 14.41 -6.98
C ASN A 123 -12.43 14.24 -5.64
N LYS A 124 -13.11 13.66 -4.65
CA LYS A 124 -12.44 13.17 -3.44
C LYS A 124 -12.82 11.71 -3.27
N GLY A 125 -11.83 10.88 -2.96
CA GLY A 125 -12.03 9.44 -2.89
C GLY A 125 -10.78 8.70 -3.33
N ALA A 126 -10.99 7.47 -3.81
CA ALA A 126 -9.90 6.64 -4.27
C ALA A 126 -10.30 5.67 -5.35
N VAL A 127 -9.29 5.25 -6.09
CA VAL A 127 -9.40 4.19 -7.07
C VAL A 127 -8.31 3.17 -6.78
N GLY A 128 -8.61 1.92 -7.09
CA GLY A 128 -7.75 0.82 -6.75
C GLY A 128 -7.66 -0.18 -7.87
N VAL A 129 -6.49 -0.81 -7.97
CA VAL A 129 -6.22 -1.87 -8.92
C VAL A 129 -5.42 -2.96 -8.18
N SER A 130 -5.75 -4.22 -8.42
CA SER A 130 -4.96 -5.31 -7.87
C SER A 130 -4.80 -6.42 -8.88
N PHE A 131 -3.76 -7.23 -8.67
CA PHE A 131 -3.47 -8.37 -9.54
C PHE A 131 -2.42 -9.26 -8.88
N MET A 132 -2.25 -10.44 -9.45
CA MET A 132 -1.15 -11.33 -9.08
C MET A 132 -0.10 -11.31 -10.17
N PHE A 133 1.17 -11.26 -9.75
CA PHE A 133 2.32 -11.47 -10.63
C PHE A 133 2.92 -12.80 -10.20
N ASN A 134 2.78 -13.80 -11.06
CA ASN A 134 2.98 -15.20 -10.68
C ASN A 134 2.27 -15.49 -9.36
N GLY A 135 2.98 -15.86 -8.28
CA GLY A 135 2.33 -16.15 -7.00
C GLY A 135 2.24 -15.00 -6.00
N THR A 136 2.64 -13.79 -6.39
CA THR A 136 2.70 -12.66 -5.47
C THR A 136 1.61 -11.66 -5.85
N SER A 137 0.83 -11.21 -4.87
CA SER A 137 -0.25 -10.28 -5.12
C SER A 137 0.13 -8.84 -4.73
N PHE A 138 -0.45 -7.93 -5.50
CA PHE A 138 -0.18 -6.50 -5.43
C PHE A 138 -1.50 -5.78 -5.42
N GLY A 139 -1.58 -4.76 -4.58
CA GLY A 139 -2.69 -3.80 -4.59
C GLY A 139 -2.12 -2.41 -4.69
N PHE A 140 -2.83 -1.54 -5.41
CA PHE A 140 -2.41 -0.16 -5.65
C PHE A 140 -3.63 0.72 -5.43
N VAL A 141 -3.52 1.68 -4.51
CA VAL A 141 -4.62 2.59 -4.20
C VAL A 141 -4.15 4.00 -4.44
N ASN A 142 -4.89 4.73 -5.28
CA ASN A 142 -4.61 6.12 -5.60
C ASN A 142 -5.76 6.96 -5.04
N CYS A 143 -5.45 7.94 -4.21
CA CYS A 143 -6.51 8.70 -3.55
C CYS A 143 -6.35 10.21 -3.67
N HIS A 144 -7.41 10.93 -3.32
CA HIS A 144 -7.37 12.37 -3.17
C HIS A 144 -8.22 12.65 -1.92
N LEU A 145 -7.58 13.02 -0.81
CA LEU A 145 -8.27 13.20 0.46
C LEU A 145 -8.63 14.68 0.68
N THR A 146 -9.44 14.94 1.70
CA THR A 146 -9.87 16.28 2.08
C THR A 146 -8.71 17.30 2.21
N SER A 147 -8.92 18.49 1.69
CA SER A 147 -7.93 19.54 1.74
C SER A 147 -8.15 20.50 2.92
N GLY A 148 -7.10 21.23 3.28
CA GLY A 148 -7.16 22.28 4.29
C GLY A 148 -6.30 21.92 5.48
N ASN A 149 -5.52 22.88 5.96
CA ASN A 149 -4.63 22.68 7.14
C ASN A 149 -5.36 22.13 8.35
N GLU A 150 -6.59 22.61 8.55
CA GLU A 150 -7.40 22.29 9.71
C GLU A 150 -8.15 20.94 9.67
N LYS A 151 -8.06 20.22 8.55
CA LYS A 151 -8.95 19.08 8.28
CA LYS A 151 -8.94 19.08 8.28
C LYS A 151 -8.26 17.72 8.47
N THR A 152 -7.24 17.65 9.32
CA THR A 152 -6.56 16.39 9.58
C THR A 152 -7.50 15.24 9.96
N ALA A 153 -8.46 15.52 10.85
CA ALA A 153 -9.40 14.50 11.32
C ALA A 153 -10.27 13.97 10.17
N ARG A 154 -10.68 14.86 9.28
CA ARG A 154 -11.40 14.45 8.08
C ARG A 154 -10.57 13.55 7.14
N ARG A 155 -9.30 13.88 6.95
CA ARG A 155 -8.38 13.02 6.17
C ARG A 155 -8.21 11.64 6.79
N ASN A 156 -8.04 11.59 8.11
CA ASN A 156 -7.93 10.29 8.79
C ASN A 156 -9.21 9.47 8.58
N GLN A 157 -10.37 10.13 8.56
CA GLN A 157 -11.62 9.41 8.35
C GLN A 157 -11.79 8.96 6.90
N ASN A 158 -11.34 9.80 5.97
CA ASN A 158 -11.33 9.40 4.55
C ASN A 158 -10.51 8.12 4.38
N TYR A 159 -9.31 8.10 4.96
CA TYR A 159 -8.46 6.92 4.96
C TYR A 159 -9.20 5.68 5.46
N LEU A 160 -9.81 5.80 6.64
CA LEU A 160 -10.53 4.68 7.24
C LEU A 160 -11.69 4.22 6.34
N ASP A 161 -12.44 5.16 5.78
CA ASP A 161 -13.57 4.83 4.89
C ASP A 161 -13.09 4.11 3.60
N ILE A 162 -11.99 4.57 3.01
CA ILE A 162 -11.44 3.89 1.84
C ILE A 162 -10.99 2.46 2.21
N LEU A 163 -10.26 2.36 3.32
CA LEU A 163 -9.75 1.06 3.80
C LEU A 163 -10.91 0.05 3.97
N ARG A 164 -12.00 0.52 4.54
CA ARG A 164 -13.16 -0.31 4.81
C ARG A 164 -14.11 -0.60 3.63
N LEU A 165 -14.18 0.29 2.64
CA LEU A 165 -15.16 0.18 1.55
C LEU A 165 -14.61 -0.25 0.18
N LEU A 166 -13.31 -0.10 -0.06
CA LEU A 166 -12.75 -0.47 -1.37
C LEU A 166 -12.85 -1.99 -1.55
N SER A 167 -13.47 -2.43 -2.64
CA SER A 167 -13.65 -3.86 -2.88
C SER A 167 -12.65 -4.34 -3.93
N LEU A 168 -11.40 -4.38 -3.53
CA LEU A 168 -10.33 -4.95 -4.37
C LEU A 168 -10.11 -6.42 -4.05
N GLY A 169 -9.82 -7.18 -5.08
CA GLY A 169 -9.67 -8.63 -4.97
C GLY A 169 -11.03 -9.30 -5.04
N ASP A 176 -13.31 -8.28 6.97
CA ASP A 176 -12.30 -8.39 5.93
C ASP A 176 -12.13 -7.09 5.12
N ASP A 177 -11.20 -6.21 5.55
CA ASP A 177 -10.81 -5.04 4.75
C ASP A 177 -9.62 -5.39 3.85
N ILE A 178 -9.19 -4.44 3.01
CA ILE A 178 -8.08 -4.67 2.08
C ILE A 178 -6.66 -4.74 2.71
N SER A 179 -6.50 -4.34 3.98
CA SER A 179 -5.18 -4.24 4.64
C SER A 179 -4.29 -5.44 4.46
N ASP A 180 -4.86 -6.63 4.61
CA ASP A 180 -4.07 -7.87 4.54
C ASP A 180 -4.41 -8.77 3.34
N ARG A 181 -5.06 -8.20 2.32
CA ARG A 181 -5.45 -8.96 1.14
C ARG A 181 -4.30 -9.20 0.17
N PHE A 182 -3.28 -8.34 0.18
CA PHE A 182 -2.21 -8.39 -0.82
C PHE A 182 -0.85 -8.52 -0.17
N THR A 183 0.04 -9.27 -0.84
CA THR A 183 1.43 -9.37 -0.41
C THR A 183 2.07 -7.98 -0.27
N HIS A 184 1.81 -7.10 -1.23
CA HIS A 184 2.30 -5.72 -1.20
C HIS A 184 1.16 -4.78 -1.57
N LEU A 185 0.87 -3.83 -0.69
CA LEU A 185 -0.17 -2.82 -0.89
C LEU A 185 0.50 -1.46 -0.91
N PHE A 186 0.37 -0.75 -2.03
CA PHE A 186 0.88 0.60 -2.17
C PHE A 186 -0.28 1.57 -2.13
N TRP A 187 -0.12 2.65 -1.39
CA TRP A 187 -1.14 3.66 -1.27
C TRP A 187 -0.47 4.98 -1.49
N PHE A 188 -0.98 5.72 -2.44
CA PHE A 188 -0.35 6.94 -2.88
C PHE A 188 -1.41 7.91 -3.33
N GLY A 189 -1.00 9.15 -3.51
CA GLY A 189 -1.88 10.15 -4.08
C GLY A 189 -1.69 11.49 -3.44
N ASP A 190 -2.69 12.33 -3.61
CA ASP A 190 -2.75 13.60 -2.93
C ASP A 190 -3.46 13.35 -1.59
N LEU A 191 -2.65 12.90 -0.64
CA LEU A 191 -3.12 12.67 0.73
C LEU A 191 -3.47 13.98 1.44
N ASN A 192 -2.88 15.09 0.99
CA ASN A 192 -3.29 16.44 1.41
C ASN A 192 -2.99 16.81 2.88
N TYR A 193 -2.08 16.07 3.53
CA TYR A 193 -1.58 16.42 4.84
C TYR A 193 -0.59 17.59 4.71
N ARG A 194 -0.64 18.49 5.69
CA ARG A 194 0.04 19.78 5.64
C ARG A 194 1.07 19.94 6.77
N LEU A 195 1.78 21.07 6.76
CA LEU A 195 2.74 21.40 7.80
C LEU A 195 2.10 22.28 8.87
N ASP A 196 2.32 21.93 10.14
CA ASP A 196 1.88 22.74 11.29
C ASP A 196 2.94 23.79 11.61
N MET A 197 2.99 24.85 10.82
CA MET A 197 4.01 25.89 10.95
C MET A 197 3.63 27.09 10.11
N ASP A 198 3.99 28.28 10.58
CA ASP A 198 3.67 29.54 9.88
C ASP A 198 4.45 29.66 8.56
N ILE A 199 3.78 30.26 7.57
CA ILE A 199 4.31 30.45 6.21
C ILE A 199 5.77 30.94 6.13
N GLN A 200 6.12 31.98 6.89
CA GLN A 200 7.45 32.59 6.75
C GLN A 200 8.57 31.67 7.25
N GLU A 201 8.32 30.99 8.38
CA GLU A 201 9.28 30.03 8.93
C GLU A 201 9.52 28.86 7.96
N ILE A 202 8.45 28.39 7.32
CA ILE A 202 8.54 27.32 6.32
C ILE A 202 9.47 27.73 5.18
N LEU A 203 9.20 28.89 4.60
CA LEU A 203 9.98 29.41 3.48
C LEU A 203 11.46 29.62 3.85
N ASN A 204 11.71 30.06 5.08
CA ASN A 204 13.09 30.19 5.59
C ASN A 204 13.83 28.84 5.54
N TYR A 205 13.22 27.81 6.11
CA TYR A 205 13.80 26.47 6.13
C TYR A 205 13.99 25.88 4.72
N ILE A 206 13.03 26.13 3.83
CA ILE A 206 13.14 25.67 2.45
C ILE A 206 14.32 26.35 1.74
N SER A 207 14.53 27.65 1.99
CA SER A 207 15.69 28.40 1.44
C SER A 207 17.03 27.77 1.82
N ARG A 208 17.14 27.38 3.10
CA ARG A 208 18.33 26.70 3.60
C ARG A 208 18.45 25.23 3.16
N LYS A 209 17.45 24.70 2.45
CA LYS A 209 17.35 23.27 2.14
C LYS A 209 17.45 22.42 3.42
N GLU A 210 16.80 22.92 4.47
CA GLU A 210 16.73 22.26 5.77
C GLU A 210 15.33 21.67 5.88
N PHE A 211 15.17 20.38 5.56
CA PHE A 211 13.84 19.77 5.56
C PHE A 211 13.45 19.09 6.87
N GLU A 212 14.43 18.71 7.70
CA GLU A 212 14.11 17.99 8.95
C GLU A 212 13.18 18.77 9.91
N PRO A 213 13.43 20.07 10.12
CA PRO A 213 12.53 20.88 10.97
C PRO A 213 11.09 20.92 10.45
N LEU A 214 10.93 20.91 9.13
CA LEU A 214 9.61 20.86 8.49
C LEU A 214 8.97 19.47 8.63
N LEU A 215 9.76 18.41 8.44
CA LEU A 215 9.24 17.04 8.53
C LEU A 215 8.79 16.68 9.95
N ARG A 216 9.40 17.33 10.96
CA ARG A 216 8.91 17.21 12.35
C ARG A 216 7.51 17.78 12.58
N VAL A 217 7.04 18.72 11.74
CA VAL A 217 5.69 19.29 11.86
C VAL A 217 4.73 18.85 10.73
N ASP A 218 5.14 17.84 9.96
CA ASP A 218 4.29 17.30 8.89
C ASP A 218 3.18 16.48 9.53
N GLN A 219 1.93 16.79 9.19
CA GLN A 219 0.78 16.14 9.82
C GLN A 219 0.68 14.64 9.58
N LEU A 220 1.09 14.15 8.40
CA LEU A 220 1.06 12.71 8.15
C LEU A 220 2.06 11.99 9.06
N ASN A 221 3.28 12.53 9.17
CA ASN A 221 4.30 11.97 10.06
C ASN A 221 3.78 11.95 11.49
N LEU A 222 3.20 13.06 11.94
CA LEU A 222 2.69 13.19 13.32
C LEU A 222 1.53 12.22 13.56
N GLU A 223 0.58 12.15 12.63
CA GLU A 223 -0.54 11.22 12.77
C GLU A 223 -0.13 9.75 12.72
N ARG A 224 0.85 9.42 11.88
CA ARG A 224 1.39 8.06 11.85
C ARG A 224 2.09 7.74 13.17
N GLU A 225 2.93 8.67 13.63
CA GLU A 225 3.68 8.54 14.89
C GLU A 225 2.73 8.36 16.07
N LYS A 226 1.57 9.00 16.03
CA LYS A 226 0.52 8.86 17.05
C LYS A 226 -0.41 7.66 16.84
N HIS A 227 -0.14 6.84 15.82
CA HIS A 227 -0.86 5.61 15.59
C HIS A 227 -2.32 5.89 15.21
N LYS A 228 -2.55 6.96 14.44
CA LYS A 228 -3.91 7.41 14.11
C LYS A 228 -4.32 7.20 12.67
N VAL A 229 -3.36 6.88 11.81
CA VAL A 229 -3.62 6.67 10.39
C VAL A 229 -2.49 5.85 9.74
N PHE A 230 -2.80 5.15 8.63
CA PHE A 230 -1.81 4.34 7.88
C PHE A 230 -1.04 3.37 8.76
N LEU A 231 -1.78 2.66 9.60
CA LEU A 231 -1.21 1.66 10.49
C LEU A 231 -0.55 0.57 9.65
N ARG A 232 0.71 0.26 9.99
CA ARG A 232 1.52 -0.78 9.37
C ARG A 232 2.14 -0.39 8.02
N PHE A 233 1.93 0.84 7.57
CA PHE A 233 2.56 1.32 6.35
C PHE A 233 3.92 1.94 6.64
N SER A 234 4.80 1.86 5.65
CA SER A 234 6.08 2.54 5.66
C SER A 234 6.10 3.64 4.61
N GLU A 235 6.97 4.63 4.81
CA GLU A 235 7.25 5.65 3.79
C GLU A 235 8.75 5.83 3.78
N GLU A 236 9.34 6.02 2.60
CA GLU A 236 10.77 6.27 2.50
C GLU A 236 11.05 7.68 3.01
N GLU A 237 12.24 7.91 3.55
CA GLU A 237 12.68 9.24 4.00
C GLU A 237 12.53 10.28 2.88
N ILE A 238 11.97 11.43 3.23
CA ILE A 238 11.79 12.55 2.31
C ILE A 238 13.02 13.46 2.33
N SER A 239 13.61 13.67 1.15
CA SER A 239 14.74 14.59 0.99
C SER A 239 14.50 15.56 -0.19
N PHE A 240 13.24 15.75 -0.55
CA PHE A 240 12.86 16.68 -1.61
C PHE A 240 11.97 17.75 -1.01
N PRO A 241 11.93 18.95 -1.63
CA PRO A 241 11.17 20.01 -1.01
C PRO A 241 9.67 19.79 -1.17
N PRO A 242 8.86 20.52 -0.39
CA PRO A 242 7.40 20.38 -0.50
C PRO A 242 6.91 20.55 -1.93
N THR A 243 6.03 19.65 -2.35
CA THR A 243 5.54 19.56 -3.74
C THR A 243 4.33 20.43 -4.03
N TYR A 244 3.84 21.15 -3.02
CA TYR A 244 2.71 22.08 -3.14
C TYR A 244 3.07 23.31 -2.30
N ARG A 245 2.65 24.54 -2.63
CA ARG A 245 1.88 24.92 -3.81
C ARG A 245 2.74 25.85 -4.66
N TYR A 246 2.94 25.49 -5.92
CA TYR A 246 3.81 26.23 -6.82
C TYR A 246 3.01 27.12 -7.77
N GLU A 247 3.64 28.21 -8.16
CA GLU A 247 3.19 28.98 -9.33
C GLU A 247 3.38 28.12 -10.58
N ARG A 248 2.44 28.21 -11.51
CA ARG A 248 2.52 27.46 -12.76
C ARG A 248 3.53 28.14 -13.68
N GLY A 249 4.28 27.35 -14.43
CA GLY A 249 5.29 27.89 -15.36
C GLY A 249 6.73 27.97 -14.83
N SER A 250 6.92 27.77 -13.53
CA SER A 250 8.26 27.58 -12.95
C SER A 250 8.15 26.83 -11.61
N ARG A 251 9.29 26.48 -11.02
CA ARG A 251 9.35 25.98 -9.64
C ARG A 251 10.18 26.92 -8.76
N ASP A 252 10.33 28.18 -9.19
CA ASP A 252 11.08 29.19 -8.42
C ASP A 252 10.29 29.66 -7.20
N THR A 253 8.98 29.81 -7.38
CA THR A 253 8.12 30.50 -6.43
C THR A 253 7.00 29.60 -5.92
N TYR A 254 6.85 29.54 -4.61
CA TYR A 254 5.65 28.99 -4.00
C TYR A 254 4.55 30.04 -4.09
N ALA A 255 3.32 29.60 -4.29
CA ALA A 255 2.15 30.50 -4.39
C ALA A 255 1.75 31.03 -3.02
N THR A 266 -4.92 28.68 4.76
CA THR A 266 -3.52 29.09 4.85
C THR A 266 -2.68 28.52 3.68
N ASN A 267 -2.94 27.27 3.28
CA ASN A 267 -2.26 26.60 2.15
C ASN A 267 -0.77 26.91 2.04
N VAL A 268 -0.08 26.70 3.17
CA VAL A 268 1.36 26.81 3.25
C VAL A 268 2.01 25.69 2.42
N PRO A 269 3.29 25.86 2.04
CA PRO A 269 3.97 24.75 1.37
C PRO A 269 3.83 23.45 2.14
N SER A 270 3.58 22.34 1.44
CA SER A 270 3.36 21.06 2.10
C SER A 270 3.72 19.87 1.19
N TRP A 271 4.01 18.74 1.83
CA TRP A 271 4.18 17.46 1.14
C TRP A 271 2.82 16.76 1.04
N CYS A 272 2.01 17.23 0.11
CA CYS A 272 0.66 16.69 -0.08
C CYS A 272 0.67 15.34 -0.75
N ASP A 273 1.69 15.13 -1.59
CA ASP A 273 1.78 14.02 -2.55
C ASP A 273 2.76 12.97 -2.08
N ARG A 274 2.27 11.76 -1.84
CA ARG A 274 3.01 10.77 -1.01
C ARG A 274 2.83 9.37 -1.55
N ILE A 275 3.81 8.52 -1.25
CA ILE A 275 3.74 7.10 -1.56
C ILE A 275 4.08 6.32 -0.30
N LEU A 276 3.19 5.41 0.11
CA LEU A 276 3.41 4.54 1.27
C LEU A 276 3.15 3.09 0.87
N TRP A 277 3.72 2.14 1.61
CA TRP A 277 3.53 0.72 1.29
C TRP A 277 3.42 -0.12 2.55
N LYS A 278 2.69 -1.22 2.41
CA LYS A 278 2.48 -2.19 3.49
C LYS A 278 2.68 -3.55 2.86
N SER A 279 3.58 -4.33 3.47
CA SER A 279 3.99 -5.62 2.91
C SER A 279 3.84 -6.71 3.94
N TYR A 280 3.56 -7.92 3.46
CA TYR A 280 3.55 -9.10 4.31
C TYR A 280 4.89 -9.29 4.99
N PRO A 281 4.88 -9.89 6.19
CA PRO A 281 6.14 -10.10 6.89
C PRO A 281 7.12 -10.99 6.11
N GLU A 282 8.41 -10.69 6.28
CA GLU A 282 9.52 -11.45 5.69
C GLU A 282 9.53 -11.48 4.16
N THR A 283 9.02 -10.43 3.55
CA THR A 283 9.09 -10.28 2.11
C THR A 283 10.24 -9.35 1.79
N HIS A 284 10.71 -9.42 0.55
CA HIS A 284 11.77 -8.54 0.08
C HIS A 284 11.14 -7.35 -0.66
N ILE A 285 11.34 -6.15 -0.12
CA ILE A 285 10.95 -4.93 -0.81
C ILE A 285 11.94 -3.85 -0.41
N ILE A 286 12.45 -3.13 -1.41
CA ILE A 286 13.42 -2.07 -1.21
C ILE A 286 13.01 -0.89 -2.04
N CYS A 287 12.95 0.29 -1.41
CA CYS A 287 12.70 1.52 -2.13
C CYS A 287 14.03 2.04 -2.74
N ASN A 288 14.07 2.12 -4.07
CA ASN A 288 15.24 2.60 -4.82
C ASN A 288 15.19 4.08 -5.18
N SER A 289 13.99 4.66 -5.25
CA SER A 289 13.86 6.09 -5.46
C SER A 289 12.58 6.59 -4.80
N TYR A 290 12.63 7.85 -4.38
CA TYR A 290 11.47 8.57 -3.84
C TYR A 290 11.81 10.06 -3.94
N GLY A 291 11.13 10.75 -4.84
CA GLY A 291 11.45 12.13 -5.09
C GLY A 291 10.42 12.82 -5.93
N CYS A 292 10.74 14.05 -6.32
CA CYS A 292 9.84 14.82 -7.17
C CYS A 292 10.64 15.44 -8.30
N THR A 293 9.93 15.77 -9.37
CA THR A 293 10.54 16.46 -10.52
C THR A 293 10.61 17.95 -10.22
N ASP A 294 11.46 18.67 -10.94
CA ASP A 294 11.48 20.13 -10.82
C ASP A 294 11.36 20.85 -12.16
N ASP A 295 11.03 20.11 -13.22
CA ASP A 295 10.95 20.64 -14.58
C ASP A 295 9.60 20.37 -15.26
N ILE A 296 8.61 19.89 -14.50
CA ILE A 296 7.23 19.76 -14.97
C ILE A 296 6.41 20.77 -14.19
N VAL A 297 5.87 21.76 -14.93
CA VAL A 297 5.38 22.98 -14.31
C VAL A 297 3.97 23.40 -14.73
N THR A 298 3.17 22.47 -15.28
CA THR A 298 1.81 22.78 -15.69
C THR A 298 0.83 22.88 -14.52
N SER A 299 1.15 22.24 -13.39
CA SER A 299 0.29 22.16 -12.23
C SER A 299 0.87 22.95 -11.05
N ASP A 300 0.03 23.19 -10.06
CA ASP A 300 0.51 23.73 -8.78
C ASP A 300 1.18 22.67 -7.88
N HIS A 301 1.14 21.40 -8.30
CA HIS A 301 1.90 20.32 -7.67
C HIS A 301 3.01 19.82 -8.57
N SER A 302 4.11 19.41 -7.94
CA SER A 302 5.15 18.69 -8.65
C SER A 302 4.84 17.19 -8.62
N PRO A 303 5.04 16.49 -9.76
CA PRO A 303 4.94 15.03 -9.79
C PRO A 303 5.89 14.35 -8.82
N VAL A 304 5.44 13.25 -8.20
CA VAL A 304 6.27 12.47 -7.30
C VAL A 304 6.44 11.07 -7.89
N PHE A 305 7.66 10.53 -7.77
CA PHE A 305 7.98 9.19 -8.20
C PHE A 305 8.49 8.35 -7.04
N GLY A 306 8.28 7.05 -7.15
CA GLY A 306 8.83 6.06 -6.23
C GLY A 306 9.11 4.81 -7.04
N THR A 307 10.26 4.16 -6.79
CA THR A 307 10.53 2.88 -7.44
C THR A 307 10.96 1.89 -6.40
N PHE A 308 10.63 0.64 -6.65
CA PHE A 308 10.79 -0.45 -5.68
C PHE A 308 11.30 -1.70 -6.38
N GLU A 309 12.16 -2.42 -5.69
CA GLU A 309 12.55 -3.74 -6.07
C GLU A 309 11.75 -4.68 -5.15
N VAL A 310 11.04 -5.63 -5.74
CA VAL A 310 10.10 -6.45 -4.99
C VAL A 310 10.29 -7.90 -5.36
N GLY A 311 10.43 -8.75 -4.33
CA GLY A 311 10.52 -10.17 -4.55
C GLY A 311 9.22 -10.71 -5.09
N VAL A 312 9.31 -11.67 -5.99
CA VAL A 312 8.15 -12.40 -6.45
C VAL A 312 8.40 -13.90 -6.39
N THR A 313 7.32 -14.67 -6.19
CA THR A 313 7.39 -16.11 -6.07
C THR A 313 6.64 -16.77 -7.23
N SER A 314 7.13 -17.93 -7.66
CA SER A 314 6.56 -18.66 -8.81
C SER A 314 5.33 -19.48 -8.43
N ALA A 329 4.11 -32.24 2.14
CA ALA A 329 4.34 -31.27 3.22
C ALA A 329 3.13 -31.07 4.12
N TYR A 330 3.37 -30.90 5.42
CA TYR A 330 2.30 -30.77 6.42
C TYR A 330 2.59 -29.63 7.39
N ILE A 331 1.59 -28.75 7.59
CA ILE A 331 1.66 -27.69 8.59
C ILE A 331 0.81 -28.07 9.80
N GLU A 332 1.46 -28.09 10.96
CA GLU A 332 0.89 -28.64 12.18
C GLU A 332 0.98 -27.58 13.28
N PHE A 333 0.01 -27.57 14.20
CA PHE A 333 -0.01 -26.63 15.33
C PHE A 333 -0.05 -27.34 16.68
N GLU A 334 0.94 -27.04 17.53
CA GLU A 334 1.01 -27.56 18.90
C GLU A 334 -0.04 -26.86 19.78
N SER A 335 -0.08 -25.53 19.69
CA SER A 335 -1.10 -24.74 20.36
C SER A 335 -1.11 -23.32 19.82
N ILE A 336 -2.21 -22.63 20.08
CA ILE A 336 -2.38 -21.22 19.75
C ILE A 336 -3.09 -20.55 20.92
N GLU A 337 -2.64 -19.36 21.28
CA GLU A 337 -3.27 -18.53 22.30
C GLU A 337 -3.48 -17.12 21.73
N ALA A 338 -4.65 -16.54 22.02
CA ALA A 338 -4.95 -15.18 21.57
C ALA A 338 -5.56 -14.39 22.70
N ILE A 339 -5.31 -13.09 22.69
CA ILE A 339 -6.04 -12.13 23.49
C ILE A 339 -6.89 -11.31 22.53
N VAL A 340 -8.19 -11.25 22.78
CA VAL A 340 -9.15 -10.57 21.90
C VAL A 340 -9.99 -9.58 22.70
N LYS A 341 -10.35 -8.46 22.07
CA LYS A 341 -11.32 -7.52 22.65
C LYS A 341 -12.74 -8.06 22.50
N THR A 342 -13.47 -8.17 23.59
CA THR A 342 -14.82 -8.71 23.60
C THR A 342 -15.49 -8.51 24.97
N ALA A 343 -16.82 -8.44 24.97
CA ALA A 343 -17.62 -8.36 26.20
C ALA A 343 -18.51 -9.59 26.31
N THR A 346 -18.30 -15.67 23.81
CA THR A 346 -17.30 -16.27 24.70
C THR A 346 -16.46 -17.38 24.02
N LYS A 347 -16.95 -17.95 22.92
CA LYS A 347 -16.21 -18.98 22.19
C LYS A 347 -15.81 -18.55 20.76
N PHE A 348 -14.57 -18.86 20.40
CA PHE A 348 -13.98 -18.44 19.13
C PHE A 348 -13.31 -19.60 18.42
N PHE A 349 -13.28 -19.53 17.09
CA PHE A 349 -12.54 -20.46 16.25
C PHE A 349 -11.64 -19.67 15.30
N ILE A 350 -10.72 -20.40 14.66
CA ILE A 350 -9.75 -19.82 13.74
C ILE A 350 -9.92 -20.43 12.35
N GLU A 351 -9.92 -19.56 11.33
CA GLU A 351 -9.87 -19.94 9.93
C GLU A 351 -8.46 -19.71 9.40
N PHE A 352 -7.97 -20.67 8.62
CA PHE A 352 -6.62 -20.64 8.03
C PHE A 352 -6.77 -20.58 6.50
N TYR A 353 -6.16 -19.56 5.89
CA TYR A 353 -6.28 -19.30 4.45
C TYR A 353 -4.89 -19.04 3.87
N SER A 354 -4.64 -19.61 2.69
CA SER A 354 -3.41 -19.33 1.95
C SER A 354 -3.56 -19.73 0.49
N THR A 355 -2.91 -18.98 -0.38
CA THR A 355 -2.83 -19.32 -1.81
C THR A 355 -2.07 -20.64 -2.05
N CYS A 356 -1.22 -21.06 -1.12
CA CYS A 356 -0.53 -22.34 -1.20
C CYS A 356 -1.37 -23.54 -0.76
N LEU A 357 -2.54 -23.27 -0.18
CA LEU A 357 -3.52 -24.30 0.16
C LEU A 357 -4.60 -24.38 -0.92
N GLU A 358 -5.20 -25.57 -1.05
CA GLU A 358 -6.36 -25.75 -1.93
C GLU A 358 -7.61 -25.15 -1.27
N TYR A 360 -8.50 -23.74 2.13
CA TYR A 360 -9.03 -23.04 3.31
C TYR A 360 -9.47 -24.06 4.36
N LYS A 361 -9.18 -23.80 5.63
CA LYS A 361 -9.42 -24.75 6.73
C LYS A 361 -9.81 -24.04 8.04
N LYS A 362 -10.42 -24.76 8.98
CA LYS A 362 -10.86 -24.12 10.25
C LYS A 362 -10.60 -24.99 11.47
N SER A 363 -10.59 -24.34 12.63
CA SER A 363 -10.43 -25.00 13.94
C SER A 363 -11.77 -25.26 14.62
N PHE A 364 -11.72 -26.00 15.73
CA PHE A 364 -12.84 -26.10 16.66
C PHE A 364 -12.75 -24.92 17.63
N GLU A 365 -13.72 -24.83 18.54
CA GLU A 365 -13.74 -23.73 19.51
C GLU A 365 -12.57 -23.84 20.49
N ASN A 366 -12.17 -22.69 21.05
CA ASN A 366 -11.14 -22.67 22.10
C ASN A 366 -11.57 -23.56 23.28
N ASP A 367 -10.65 -24.37 23.80
CA ASP A 367 -10.95 -25.29 24.92
C ASP A 367 -10.55 -24.72 26.30
N ALA A 368 -10.10 -23.47 26.32
CA ALA A 368 -9.79 -22.75 27.56
C ALA A 368 -9.86 -21.23 27.34
N GLN A 369 -10.19 -20.51 28.41
CA GLN A 369 -10.23 -19.06 28.40
C GLN A 369 -10.09 -18.47 29.80
N SER A 370 -9.54 -17.27 29.88
CA SER A 370 -9.39 -16.55 31.14
C SER A 370 -9.35 -15.06 30.89
N SER A 371 -9.54 -14.29 31.95
CA SER A 371 -9.59 -12.83 31.85
C SER A 371 -9.01 -12.14 33.09
N ASP A 372 -7.85 -11.52 32.93
CA ASP A 372 -7.28 -10.63 33.95
C ASP A 372 -8.01 -9.29 33.99
N ASN A 373 -8.47 -8.82 32.83
CA ASN A 373 -9.01 -7.48 32.68
C ASN A 373 -10.32 -7.50 31.89
N ILE A 374 -11.21 -6.56 32.23
CA ILE A 374 -12.54 -6.48 31.63
C ILE A 374 -12.40 -6.01 30.18
N ASN A 375 -13.23 -6.58 29.30
CA ASN A 375 -13.20 -6.37 27.84
C ASN A 375 -11.98 -6.92 27.09
N PHE A 376 -11.31 -7.90 27.70
CA PHE A 376 -10.24 -8.66 27.04
C PHE A 376 -10.37 -10.11 27.45
N LEU A 377 -10.25 -11.01 26.48
CA LEU A 377 -10.36 -12.43 26.74
C LEU A 377 -9.15 -13.16 26.20
N LYS A 378 -8.44 -13.88 27.08
CA LYS A 378 -7.37 -14.77 26.65
C LYS A 378 -8.03 -16.09 26.29
N VAL A 379 -7.81 -16.55 25.06
CA VAL A 379 -8.39 -17.82 24.59
C VAL A 379 -7.28 -18.75 24.11
N GLN A 380 -7.44 -20.05 24.37
CA GLN A 380 -6.41 -21.03 24.06
C GLN A 380 -6.99 -22.20 23.28
N TRP A 381 -6.24 -22.66 22.29
CA TRP A 381 -6.59 -23.83 21.51
C TRP A 381 -5.45 -24.81 21.69
N SER A 382 -5.75 -25.98 22.27
CA SER A 382 -4.81 -27.10 22.32
C SER A 382 -4.74 -27.76 20.95
N SER A 383 -3.77 -28.67 20.77
CA SER A 383 -3.57 -29.33 19.48
C SER A 383 -4.80 -30.10 18.98
N ARG A 384 -5.62 -30.62 19.90
CA ARG A 384 -6.87 -31.31 19.54
C ARG A 384 -7.85 -30.45 18.77
N GLN A 385 -7.87 -29.15 19.08
CA GLN A 385 -8.81 -28.21 18.46
C GLN A 385 -8.34 -27.70 17.09
N LEU A 386 -7.08 -27.96 16.74
CA LEU A 386 -6.44 -27.30 15.60
C LEU A 386 -6.21 -28.23 14.43
N PRO A 387 -6.40 -27.72 13.20
CA PRO A 387 -6.28 -28.55 12.01
C PRO A 387 -4.85 -28.76 11.55
N THR A 388 -4.68 -29.67 10.59
CA THR A 388 -3.43 -29.88 9.87
C THR A 388 -3.62 -29.39 8.43
N LEU A 389 -2.73 -28.50 7.99
CA LEU A 389 -2.82 -27.89 6.66
C LEU A 389 -1.87 -28.62 5.71
N LYS A 390 -2.24 -28.65 4.43
CA LYS A 390 -1.51 -29.42 3.41
C LYS A 390 -1.17 -28.52 2.21
N PRO A 391 0.06 -27.97 2.16
CA PRO A 391 0.48 -27.18 1.00
C PRO A 391 0.47 -27.96 -0.31
N ILE A 392 0.27 -27.27 -1.43
CA ILE A 392 0.16 -27.92 -2.75
C ILE A 392 1.47 -28.58 -3.20
N LEU A 393 2.59 -27.89 -3.00
CA LEU A 393 3.91 -28.47 -3.26
C LEU A 393 4.71 -28.62 -1.97
N ALA A 394 5.70 -29.53 -2.01
CA ALA A 394 6.51 -29.88 -0.86
C ALA A 394 7.92 -29.29 -0.85
N ASP A 395 8.35 -28.65 -1.95
CA ASP A 395 9.70 -28.07 -2.03
C ASP A 395 9.89 -26.95 -1.02
N ILE A 396 11.05 -26.95 -0.36
CA ILE A 396 11.41 -25.92 0.64
C ILE A 396 11.43 -24.52 0.02
N GLU A 397 11.90 -24.42 -1.22
CA GLU A 397 12.00 -23.14 -1.95
C GLU A 397 10.63 -22.53 -2.21
N TYR A 398 9.64 -23.39 -2.46
CA TYR A 398 8.25 -22.97 -2.59
C TYR A 398 7.67 -22.53 -1.23
N LEU A 399 7.78 -23.39 -0.23
CA LEU A 399 7.16 -23.16 1.09
C LEU A 399 7.70 -21.94 1.84
N GLN A 400 9.00 -21.72 1.79
CA GLN A 400 9.62 -20.60 2.50
C GLN A 400 9.06 -19.22 2.06
N ASP A 401 8.48 -19.13 0.86
CA ASP A 401 7.89 -17.91 0.33
C ASP A 401 6.40 -17.72 0.64
N GLN A 402 5.76 -18.68 1.31
CA GLN A 402 4.31 -18.61 1.51
C GLN A 402 3.92 -17.90 2.82
N HIS A 403 2.64 -17.55 2.89
CA HIS A 403 2.06 -16.87 4.04
C HIS A 403 0.72 -17.48 4.38
N LEU A 404 0.42 -17.57 5.67
CA LEU A 404 -0.89 -18.01 6.15
C LEU A 404 -1.66 -16.82 6.69
N LEU A 405 -2.93 -16.73 6.33
CA LEU A 405 -3.86 -15.76 6.92
C LEU A 405 -4.71 -16.48 7.97
N LEU A 406 -4.61 -16.02 9.21
CA LEU A 406 -5.42 -16.52 10.32
C LEU A 406 -6.48 -15.48 10.66
N THR A 407 -7.73 -15.91 10.79
CA THR A 407 -8.82 -15.04 11.19
C THR A 407 -9.50 -15.66 12.38
N VAL A 408 -9.65 -14.88 13.46
CA VAL A 408 -10.37 -15.28 14.66
C VAL A 408 -11.83 -14.85 14.54
N LYS A 409 -12.74 -15.82 14.60
CA LYS A 409 -14.18 -15.56 14.49
C LYS A 409 -14.94 -16.10 15.70
N SER A 410 -16.04 -15.43 16.04
CA SER A 410 -16.90 -15.87 17.14
C SER A 410 -17.78 -17.02 16.68
N MET A 411 -17.99 -17.99 17.56
CA MET A 411 -18.96 -19.06 17.31
C MET A 411 -20.36 -18.48 17.10
N ASP A 412 -20.72 -17.50 17.92
CA ASP A 412 -21.99 -16.80 17.81
C ASP A 412 -21.89 -15.67 16.79
N GLY A 413 -22.43 -15.90 15.59
CA GLY A 413 -22.47 -14.90 14.53
C GLY A 413 -21.42 -15.03 13.42
N TYR A 414 -20.33 -15.74 13.68
CA TYR A 414 -19.18 -15.85 12.75
C TYR A 414 -18.61 -14.48 12.34
N GLU A 415 -18.52 -13.58 13.32
CA GLU A 415 -17.98 -12.24 13.12
C GLU A 415 -16.47 -12.33 13.25
N SER A 416 -15.72 -11.61 12.42
CA SER A 416 -14.27 -11.54 12.57
C SER A 416 -13.93 -10.62 13.74
N TYR A 417 -13.09 -11.11 14.65
CA TYR A 417 -12.54 -10.30 15.74
C TYR A 417 -11.07 -9.93 15.50
N GLY A 418 -10.53 -10.34 14.36
CA GLY A 418 -9.17 -10.00 14.03
C GLY A 418 -8.53 -11.00 13.10
N GLU A 419 -7.58 -10.50 12.30
CA GLU A 419 -6.82 -11.32 11.37
C GLU A 419 -5.35 -10.97 11.49
N CYS A 420 -4.49 -11.91 11.09
CA CYS A 420 -3.07 -11.63 10.95
C CYS A 420 -2.45 -12.53 9.91
N VAL A 421 -1.23 -12.20 9.50
CA VAL A 421 -0.49 -12.94 8.50
C VAL A 421 0.78 -13.49 9.14
N VAL A 422 1.01 -14.78 8.94
CA VAL A 422 2.23 -15.45 9.40
C VAL A 422 3.02 -15.92 8.18
N ALA A 423 4.29 -15.53 8.11
CA ALA A 423 5.19 -16.01 7.06
C ALA A 423 5.72 -17.39 7.45
N LEU A 424 5.82 -18.30 6.48
CA LEU A 424 6.43 -19.61 6.72
C LEU A 424 7.97 -19.60 6.67
N LYS A 425 8.58 -18.53 6.14
CA LYS A 425 10.03 -18.47 5.88
C LYS A 425 10.92 -18.92 7.06
N SER A 426 10.57 -18.51 8.28
CA SER A 426 11.36 -18.83 9.48
C SER A 426 10.79 -19.97 10.32
N MET A 427 9.70 -20.59 9.86
CA MET A 427 8.97 -21.61 10.62
C MET A 427 9.28 -23.03 10.15
N ILE A 428 10.15 -23.18 9.15
CA ILE A 428 10.56 -24.48 8.62
C ILE A 428 11.87 -24.88 9.30
N THR A 431 11.40 -29.40 14.22
CA THR A 431 10.95 -28.95 15.54
C THR A 431 9.91 -27.83 15.42
N ALA A 432 9.07 -27.71 16.44
CA ALA A 432 8.06 -26.66 16.49
C ALA A 432 8.68 -25.31 16.82
N GLN A 433 8.22 -24.27 16.12
CA GLN A 433 8.70 -22.91 16.32
C GLN A 433 7.53 -22.01 16.61
N GLN A 434 7.80 -20.98 17.41
CA GLN A 434 6.78 -20.07 17.88
C GLN A 434 6.63 -18.89 16.90
N PHE A 435 5.38 -18.53 16.60
CA PHE A 435 5.07 -17.26 15.94
C PHE A 435 4.37 -16.36 16.94
N LEU A 436 4.60 -15.07 16.82
CA LEU A 436 3.95 -14.08 17.67
C LEU A 436 3.58 -12.91 16.77
N THR A 437 2.31 -12.56 16.72
CA THR A 437 1.88 -11.39 15.95
C THR A 437 0.62 -10.75 16.53
N PHE A 438 0.05 -9.81 15.78
CA PHE A 438 -1.00 -8.94 16.29
C PHE A 438 -2.20 -9.02 15.38
N LEU A 439 -3.39 -8.93 15.98
CA LEU A 439 -4.65 -9.03 15.27
C LEU A 439 -5.16 -7.65 14.91
N SER A 440 -5.60 -7.52 13.65
CA SER A 440 -6.22 -6.30 13.15
CA SER A 440 -6.22 -6.30 13.16
C SER A 440 -7.59 -6.60 12.57
N HIS A 441 -8.51 -5.64 12.69
CA HIS A 441 -9.83 -5.73 12.08
C HIS A 441 -10.32 -4.33 11.68
N ARG A 442 -10.60 -4.15 10.38
CA ARG A 442 -11.15 -2.89 9.85
C ARG A 442 -10.40 -1.63 10.30
N GLY A 443 -9.08 -1.71 10.29
CA GLY A 443 -8.22 -0.58 10.68
C GLY A 443 -8.00 -0.36 12.17
N GLU A 444 -8.49 -1.26 13.02
CA GLU A 444 -8.29 -1.19 14.47
C GLU A 444 -7.42 -2.36 14.90
N GLU A 445 -6.50 -2.13 15.85
CA GLU A 445 -5.76 -3.22 16.49
C GLU A 445 -6.70 -3.88 17.50
N THR A 446 -6.92 -5.18 17.37
CA THR A 446 -7.93 -5.89 18.20
C THR A 446 -7.39 -7.01 19.08
N GLY A 447 -6.07 -7.18 19.14
CA GLY A 447 -5.46 -8.13 20.05
C GLY A 447 -4.15 -8.72 19.58
N ASN A 448 -3.80 -9.87 20.11
CA ASN A 448 -2.56 -10.51 19.71
C ASN A 448 -2.71 -12.02 19.73
N ILE A 449 -1.73 -12.68 19.13
CA ILE A 449 -1.81 -14.08 18.89
C ILE A 449 -0.40 -14.66 18.91
N ARG A 450 -0.28 -15.82 19.53
CA ARG A 450 0.98 -16.49 19.74
C ARG A 450 0.70 -17.97 19.58
N GLY A 451 1.55 -18.67 18.83
CA GLY A 451 1.33 -20.08 18.56
C GLY A 451 2.62 -20.81 18.28
N SER A 452 2.54 -22.13 18.36
CA SER A 452 3.66 -23.00 18.05
C SER A 452 3.25 -23.83 16.85
N MET A 453 4.07 -23.86 15.80
CA MET A 453 3.77 -24.64 14.59
CA MET A 453 3.77 -24.62 14.57
C MET A 453 5.00 -25.30 13.98
N LYS A 454 4.73 -26.31 13.15
CA LYS A 454 5.74 -27.12 12.46
C LYS A 454 5.40 -27.17 10.99
N VAL A 455 6.39 -26.95 10.12
CA VAL A 455 6.25 -27.16 8.68
C VAL A 455 7.17 -28.32 8.30
N ARG A 456 6.57 -29.49 8.08
CA ARG A 456 7.33 -30.74 7.81
C ARG A 456 7.48 -31.03 6.32
N VAL A 457 8.70 -31.35 5.91
CA VAL A 457 9.04 -31.69 4.51
C VAL A 457 9.97 -32.89 4.47
#